data_8JVV
#
_entry.id   8JVV
#
_cell.length_a   56.304
_cell.length_b   95.351
_cell.length_c   64.460
_cell.angle_alpha   90.00
_cell.angle_beta   114.10
_cell.angle_gamma   90.00
#
_symmetry.space_group_name_H-M   'P 1 21 1'
#
loop_
_entity.id
_entity.type
_entity.pdbx_description
1 polymer mkaL2_v1.1
2 water water
#
_entity_poly.entity_id   1
_entity_poly.type   'polypeptide(L)'
_entity_poly.pdbx_seq_one_letter_code
;GPMPGKKFVARVVELLHDPARNAPVARVRFEDGEERLILVPEGIKVGDVVEVKKV
;
_entity_poly.pdbx_strand_id   A,B,C,D,E,F,G,H,I,J,K,L
#
# COMPACT_ATOMS: atom_id res chain seq x y z
N LYS A 6 2.96 -17.75 -17.41
CA LYS A 6 2.67 -17.47 -15.97
C LYS A 6 3.00 -16.01 -15.63
N LYS A 7 4.26 -15.75 -15.22
CA LYS A 7 4.86 -14.43 -14.85
C LYS A 7 4.43 -13.94 -13.46
N PHE A 8 5.26 -14.22 -12.44
CA PHE A 8 5.03 -13.84 -11.02
C PHE A 8 5.35 -12.35 -10.85
N VAL A 9 4.33 -11.52 -10.60
CA VAL A 9 4.53 -10.08 -10.65
C VAL A 9 3.98 -9.41 -9.39
N ALA A 10 4.36 -8.14 -9.22
CA ALA A 10 3.81 -7.26 -8.20
C ALA A 10 4.21 -5.82 -8.48
N ARG A 11 3.37 -4.90 -8.01
CA ARG A 11 3.54 -3.49 -8.27
C ARG A 11 4.19 -2.82 -7.07
N VAL A 12 5.27 -2.10 -7.35
CA VAL A 12 6.02 -1.31 -6.38
C VAL A 12 5.08 -0.22 -5.87
N VAL A 13 4.83 -0.19 -4.57
CA VAL A 13 3.95 0.80 -3.92
C VAL A 13 4.76 1.84 -3.17
N GLU A 14 5.89 1.42 -2.62
CA GLU A 14 6.83 2.26 -1.89
C GLU A 14 8.24 1.78 -2.20
N LEU A 15 9.19 2.70 -2.08
CA LEU A 15 10.58 2.39 -2.38
C LEU A 15 11.47 3.24 -1.48
N LEU A 16 12.47 2.62 -0.83
CA LEU A 16 13.36 3.28 0.14
C LEU A 16 14.81 2.87 -0.08
N HIS A 17 15.72 3.86 -0.13
CA HIS A 17 17.18 3.57 -0.21
C HIS A 17 17.77 3.63 1.19
N ASP A 18 18.08 2.47 1.75
CA ASP A 18 18.82 2.44 2.99
C ASP A 18 20.30 2.66 2.72
N PRO A 19 20.96 3.68 3.30
CA PRO A 19 22.40 3.82 3.12
C PRO A 19 23.14 2.58 3.65
N ALA A 20 22.43 1.60 4.19
CA ALA A 20 23.09 0.41 4.77
C ALA A 20 23.34 -0.68 3.73
N ARG A 21 22.72 -0.57 2.56
CA ARG A 21 22.92 -1.60 1.50
C ARG A 21 22.89 -0.92 0.15
N ASN A 22 23.35 -1.61 -0.89
CA ASN A 22 23.38 -1.02 -2.23
C ASN A 22 21.98 -1.01 -2.82
N ALA A 23 21.26 -2.10 -2.66
CA ALA A 23 19.96 -2.13 -3.35
C ALA A 23 18.87 -1.49 -2.51
N PRO A 24 17.88 -0.86 -3.15
CA PRO A 24 16.75 -0.27 -2.47
C PRO A 24 15.73 -1.32 -2.06
N VAL A 25 14.97 -1.02 -1.02
CA VAL A 25 13.90 -1.89 -0.47
C VAL A 25 12.60 -1.39 -1.07
N ALA A 26 11.81 -2.27 -1.65
CA ALA A 26 10.53 -1.85 -2.21
C ALA A 26 9.40 -2.59 -1.49
N ARG A 27 8.31 -1.91 -1.24
CA ARG A 27 7.11 -2.58 -0.71
C ARG A 27 6.25 -2.90 -1.93
N VAL A 28 6.02 -4.17 -2.21
CA VAL A 28 5.31 -4.55 -3.41
C VAL A 28 3.92 -5.09 -3.06
N ARG A 29 3.01 -4.96 -4.03
CA ARG A 29 1.61 -5.40 -3.89
C ARG A 29 1.39 -6.52 -4.89
N PHE A 30 1.08 -7.71 -4.40
CA PHE A 30 0.89 -8.84 -5.32
C PHE A 30 -0.57 -8.88 -5.80
N GLU A 31 -0.80 -9.84 -6.67
CA GLU A 31 -2.07 -10.15 -7.33
C GLU A 31 -3.25 -9.97 -6.37
N ASP A 32 -3.28 -10.75 -5.30
CA ASP A 32 -4.42 -10.80 -4.36
C ASP A 32 -4.48 -9.59 -3.42
N GLY A 33 -3.44 -8.78 -3.32
CA GLY A 33 -3.50 -7.64 -2.40
C GLY A 33 -2.48 -7.76 -1.30
N GLU A 34 -1.81 -8.90 -1.23
CA GLU A 34 -0.74 -9.14 -0.23
C GLU A 34 0.41 -8.16 -0.50
N GLU A 35 1.00 -7.63 0.57
CA GLU A 35 2.09 -6.67 0.47
C GLU A 35 3.29 -7.18 1.26
N ARG A 36 4.46 -7.05 0.68
CA ARG A 36 5.73 -7.49 1.33
C ARG A 36 6.85 -6.57 0.91
N LEU A 37 7.98 -6.68 1.60
CA LEU A 37 9.16 -5.86 1.31
C LEU A 37 10.15 -6.73 0.57
N ILE A 38 10.56 -6.35 -0.61
CA ILE A 38 11.62 -7.13 -1.30
C ILE A 38 12.69 -6.17 -1.77
N LEU A 39 13.89 -6.68 -1.93
CA LEU A 39 14.95 -5.92 -2.56
C LEU A 39 14.70 -5.84 -4.07
N VAL A 40 14.82 -4.65 -4.65
CA VAL A 40 14.65 -4.47 -6.09
C VAL A 40 15.92 -3.90 -6.69
N PRO A 41 16.11 -4.03 -8.01
CA PRO A 41 17.27 -3.41 -8.65
C PRO A 41 17.19 -1.90 -8.57
N GLU A 42 18.37 -1.28 -8.56
CA GLU A 42 18.47 0.17 -8.66
C GLU A 42 17.80 0.69 -9.93
N GLY A 43 17.02 1.76 -9.80
CA GLY A 43 16.23 2.27 -10.91
C GLY A 43 14.77 1.87 -10.91
N ILE A 44 14.36 0.92 -10.06
CA ILE A 44 12.93 0.74 -9.84
C ILE A 44 12.38 2.01 -9.21
N LYS A 45 11.28 2.51 -9.77
CA LYS A 45 10.56 3.65 -9.22
C LYS A 45 9.17 3.21 -8.79
N VAL A 46 8.57 3.95 -7.85
CA VAL A 46 7.20 3.63 -7.44
C VAL A 46 6.30 3.64 -8.67
N GLY A 47 5.35 2.69 -8.69
CA GLY A 47 4.50 2.47 -9.84
C GLY A 47 4.99 1.40 -10.80
N ASP A 48 6.28 1.05 -10.77
CA ASP A 48 6.72 -0.02 -11.66
C ASP A 48 6.19 -1.37 -11.22
N VAL A 49 6.16 -2.29 -12.17
CA VAL A 49 5.84 -3.68 -11.91
C VAL A 49 7.13 -4.49 -11.98
N VAL A 50 7.35 -5.36 -10.99
CA VAL A 50 8.53 -6.19 -11.04
C VAL A 50 8.12 -7.65 -11.19
N GLU A 51 9.07 -8.44 -11.69
CA GLU A 51 8.84 -9.87 -11.91
C GLU A 51 9.90 -10.66 -11.14
N VAL A 52 9.49 -11.73 -10.49
CA VAL A 52 10.46 -12.64 -9.83
C VAL A 52 10.49 -13.89 -10.70
N LYS A 53 11.59 -14.13 -11.39
CA LYS A 53 11.68 -15.29 -12.29
C LYS A 53 12.99 -16.01 -12.03
N LYS A 54 13.06 -17.27 -12.44
CA LYS A 54 14.28 -18.09 -12.29
C LYS A 54 15.19 -17.79 -13.49
N VAL A 55 16.49 -17.84 -13.32
CA VAL A 55 17.39 -17.55 -14.47
C VAL A 55 17.98 -18.88 -14.95
N GLY B 5 15.64 22.15 -3.55
CA GLY B 5 14.40 21.41 -3.27
C GLY B 5 13.16 22.30 -3.34
N LYS B 6 13.34 23.57 -3.68
CA LYS B 6 12.21 24.52 -3.78
C LYS B 6 11.13 23.89 -4.65
N LYS B 7 9.90 23.88 -4.16
CA LYS B 7 8.77 23.27 -4.89
C LYS B 7 8.17 24.30 -5.82
N PHE B 8 7.72 23.83 -6.99
CA PHE B 8 7.02 24.64 -8.00
C PHE B 8 5.54 24.45 -7.70
N VAL B 9 4.94 25.39 -6.97
CA VAL B 9 3.53 25.21 -6.54
C VAL B 9 2.60 26.26 -7.09
N ALA B 10 1.31 26.02 -6.89
CA ALA B 10 0.21 26.91 -7.30
C ALA B 10 -0.98 26.64 -6.38
N ARG B 11 -1.70 27.70 -6.02
CA ARG B 11 -2.88 27.62 -5.14
C ARG B 11 -4.12 27.41 -6.00
N VAL B 12 -5.02 26.55 -5.56
CA VAL B 12 -6.28 26.28 -6.33
C VAL B 12 -7.31 27.34 -5.92
N VAL B 13 -7.87 28.06 -6.88
CA VAL B 13 -8.80 29.15 -6.50
C VAL B 13 -10.23 28.78 -6.88
N GLU B 14 -10.37 28.03 -7.96
CA GLU B 14 -11.68 27.53 -8.44
C GLU B 14 -11.49 26.09 -8.91
N LEU B 15 -12.56 25.31 -8.97
CA LEU B 15 -12.45 23.89 -9.35
C LEU B 15 -13.79 23.48 -9.95
N LEU B 16 -13.76 22.79 -11.09
CA LEU B 16 -14.99 22.38 -11.78
C LEU B 16 -14.89 20.95 -12.25
N HIS B 17 -15.94 20.20 -12.07
CA HIS B 17 -15.94 18.81 -12.57
C HIS B 17 -16.71 18.77 -13.87
N ASP B 18 -16.00 18.61 -14.97
CA ASP B 18 -16.62 18.53 -16.32
C ASP B 18 -17.15 17.11 -16.43
N PRO B 19 -18.44 16.91 -16.71
CA PRO B 19 -19.01 15.58 -16.81
C PRO B 19 -18.30 14.71 -17.85
N ALA B 20 -17.74 15.33 -18.87
CA ALA B 20 -17.00 14.59 -19.88
C ALA B 20 -15.62 14.17 -19.38
N ARG B 21 -14.93 15.02 -18.60
CA ARG B 21 -13.57 14.69 -18.14
C ARG B 21 -13.60 13.61 -17.05
N ASN B 22 -12.44 12.98 -16.82
CA ASN B 22 -12.31 12.12 -15.64
C ASN B 22 -11.80 12.90 -14.41
N ALA B 23 -10.81 13.79 -14.61
CA ALA B 23 -10.08 14.65 -13.69
C ALA B 23 -10.73 16.03 -13.63
N PRO B 24 -10.95 16.58 -12.43
CA PRO B 24 -11.49 17.95 -12.35
C PRO B 24 -10.56 18.95 -13.03
N VAL B 25 -11.12 20.10 -13.40
CA VAL B 25 -10.34 21.23 -13.89
C VAL B 25 -10.19 22.29 -12.80
N ALA B 26 -8.97 22.79 -12.63
CA ALA B 26 -8.61 23.77 -11.60
C ALA B 26 -8.08 25.06 -12.19
N ARG B 27 -8.62 26.19 -11.73
CA ARG B 27 -7.94 27.48 -11.93
C ARG B 27 -6.96 27.63 -10.78
N VAL B 28 -5.69 27.59 -11.09
CA VAL B 28 -4.62 27.64 -10.11
C VAL B 28 -3.90 28.98 -10.26
N ARG B 29 -3.27 29.41 -9.17
CA ARG B 29 -2.52 30.70 -9.14
C ARG B 29 -1.08 30.40 -8.79
N PHE B 30 -0.19 30.53 -9.75
CA PHE B 30 1.23 30.35 -9.51
C PHE B 30 1.75 31.45 -8.61
N GLU B 31 3.01 31.30 -8.17
CA GLU B 31 3.58 32.18 -7.16
C GLU B 31 3.79 33.60 -7.66
N ASP B 32 4.06 33.79 -8.95
CA ASP B 32 4.17 35.15 -9.48
C ASP B 32 2.82 35.75 -9.85
N GLY B 33 1.72 35.12 -9.44
CA GLY B 33 0.38 35.66 -9.64
C GLY B 33 -0.34 35.31 -10.93
N GLU B 34 0.26 34.55 -11.85
CA GLU B 34 -0.43 34.19 -13.09
C GLU B 34 -1.41 33.05 -12.82
N GLU B 35 -2.63 33.17 -13.37
CA GLU B 35 -3.68 32.16 -13.20
C GLU B 35 -3.98 31.43 -14.51
N ARG B 36 -3.92 30.11 -14.45
CA ARG B 36 -4.17 29.25 -15.59
C ARG B 36 -5.16 28.18 -15.16
N LEU B 37 -5.58 27.40 -16.14
CA LEU B 37 -6.47 26.24 -15.94
C LEU B 37 -5.61 24.99 -16.10
N ILE B 38 -5.67 24.08 -15.16
CA ILE B 38 -4.89 22.82 -15.27
C ILE B 38 -5.75 21.68 -14.74
N LEU B 39 -5.50 20.48 -15.22
CA LEU B 39 -6.18 19.28 -14.72
C LEU B 39 -5.50 18.93 -13.40
N VAL B 40 -6.25 18.51 -12.40
CA VAL B 40 -5.64 18.15 -11.09
C VAL B 40 -6.21 16.81 -10.64
N PRO B 41 -5.56 16.03 -9.75
CA PRO B 41 -6.10 14.73 -9.33
C PRO B 41 -7.45 14.91 -8.67
N GLU B 42 -8.22 13.85 -8.66
CA GLU B 42 -9.50 13.90 -7.96
C GLU B 42 -9.22 14.02 -6.47
N GLY B 43 -9.98 14.88 -5.78
CA GLY B 43 -9.79 15.10 -4.33
C GLY B 43 -9.31 16.49 -4.01
N ILE B 44 -8.69 17.18 -4.96
CA ILE B 44 -8.16 18.53 -4.72
C ILE B 44 -9.33 19.46 -4.48
N LYS B 45 -9.24 20.36 -3.53
CA LYS B 45 -10.36 21.32 -3.40
C LYS B 45 -9.83 22.74 -3.48
N VAL B 46 -10.75 23.67 -3.55
CA VAL B 46 -10.39 25.11 -3.55
C VAL B 46 -9.63 25.37 -2.27
N GLY B 47 -8.54 26.09 -2.38
CA GLY B 47 -7.73 26.37 -1.22
C GLY B 47 -6.54 25.45 -1.05
N ASP B 48 -6.54 24.30 -1.70
CA ASP B 48 -5.38 23.43 -1.67
C ASP B 48 -4.23 24.03 -2.50
N VAL B 49 -3.02 23.65 -2.15
CA VAL B 49 -1.83 23.93 -2.94
C VAL B 49 -1.46 22.68 -3.73
N VAL B 50 -1.04 22.86 -4.98
CA VAL B 50 -0.56 21.74 -5.79
C VAL B 50 0.83 22.08 -6.30
N GLU B 51 1.59 21.01 -6.54
CA GLU B 51 2.97 21.04 -6.98
C GLU B 51 3.04 20.32 -8.32
N VAL B 52 3.91 20.82 -9.18
CA VAL B 52 4.21 20.20 -10.49
C VAL B 52 5.65 19.71 -10.36
N LYS B 53 5.87 18.42 -10.41
CA LYS B 53 7.24 17.93 -10.18
C LYS B 53 7.60 16.82 -11.16
N LYS B 54 8.89 16.67 -11.40
CA LYS B 54 9.39 15.66 -12.34
C LYS B 54 9.41 14.30 -11.66
N VAL B 55 9.02 13.27 -12.37
CA VAL B 55 9.05 11.90 -11.79
C VAL B 55 10.12 11.12 -12.55
N GLY C 5 -2.98 -28.67 5.27
CA GLY C 5 -3.65 -27.88 6.32
C GLY C 5 -3.62 -26.40 6.02
N LYS C 6 -4.37 -26.00 4.98
CA LYS C 6 -4.43 -24.60 4.54
C LYS C 6 -5.22 -23.82 5.59
N LYS C 7 -4.69 -22.71 6.07
CA LYS C 7 -5.45 -21.97 7.12
C LYS C 7 -6.60 -21.20 6.49
N PHE C 8 -7.65 -20.96 7.28
CA PHE C 8 -8.82 -20.13 6.89
C PHE C 8 -8.44 -18.70 7.25
N VAL C 9 -8.38 -17.82 6.28
CA VAL C 9 -7.75 -16.54 6.60
C VAL C 9 -8.48 -15.35 5.95
N ALA C 10 -8.21 -14.15 6.49
CA ALA C 10 -8.69 -12.92 5.90
C ALA C 10 -7.72 -11.78 6.15
N ARG C 11 -7.68 -10.84 5.22
CA ARG C 11 -6.78 -9.69 5.28
C ARG C 11 -7.54 -8.45 5.76
N VAL C 12 -6.95 -7.75 6.71
CA VAL C 12 -7.57 -6.56 7.29
C VAL C 12 -7.39 -5.38 6.34
N VAL C 13 -8.50 -4.72 6.02
CA VAL C 13 -8.52 -3.59 5.12
C VAL C 13 -8.83 -2.28 5.86
N GLU C 14 -9.68 -2.34 6.86
CA GLU C 14 -9.97 -1.14 7.66
C GLU C 14 -10.02 -1.56 9.13
N LEU C 15 -9.76 -0.64 10.03
CA LEU C 15 -9.73 -0.98 11.47
C LEU C 15 -10.27 0.21 12.23
N LEU C 16 -11.22 -0.01 13.11
CA LEU C 16 -11.75 1.10 13.91
C LEU C 16 -11.85 0.63 15.35
N HIS C 17 -11.48 1.49 16.28
CA HIS C 17 -11.62 1.20 17.71
C HIS C 17 -12.88 1.91 18.16
N ASP C 18 -13.87 1.18 18.63
CA ASP C 18 -15.05 1.90 19.10
C ASP C 18 -14.85 2.13 20.60
N PRO C 19 -14.99 3.35 21.15
CA PRO C 19 -14.83 3.57 22.58
C PRO C 19 -15.64 2.62 23.46
N ALA C 20 -16.87 2.32 23.06
CA ALA C 20 -17.80 1.41 23.76
C ALA C 20 -17.33 -0.04 23.80
N ARG C 21 -16.51 -0.53 22.87
CA ARG C 21 -16.12 -1.96 22.87
C ARG C 21 -14.68 -2.17 23.35
N ASN C 22 -14.33 -3.42 23.64
CA ASN C 22 -12.96 -3.77 24.09
C ASN C 22 -12.08 -4.05 22.87
N ALA C 23 -12.52 -4.98 22.02
CA ALA C 23 -11.75 -5.33 20.81
C ALA C 23 -12.09 -4.38 19.68
N PRO C 24 -11.18 -4.10 18.72
CA PRO C 24 -11.55 -3.26 17.62
C PRO C 24 -12.30 -4.07 16.55
N VAL C 25 -13.05 -3.37 15.74
CA VAL C 25 -13.78 -3.99 14.63
C VAL C 25 -12.99 -3.82 13.30
N ALA C 26 -12.76 -4.95 12.62
CA ALA C 26 -11.97 -5.00 11.40
C ALA C 26 -12.84 -5.41 10.23
N ARG C 27 -12.80 -4.61 9.16
CA ARG C 27 -13.30 -4.99 7.85
C ARG C 27 -12.27 -5.89 7.17
N VAL C 28 -12.60 -7.19 7.06
CA VAL C 28 -11.64 -8.12 6.48
C VAL C 28 -12.10 -8.62 5.11
N ARG C 29 -11.13 -9.14 4.35
CA ARG C 29 -11.37 -9.74 3.04
C ARG C 29 -10.99 -11.20 3.13
N PHE C 30 -11.99 -12.07 3.00
CA PHE C 30 -11.68 -13.49 2.89
C PHE C 30 -11.11 -13.76 1.51
N GLU C 31 -10.55 -14.96 1.42
CA GLU C 31 -9.88 -15.53 0.23
C GLU C 31 -10.77 -15.45 -1.01
N ASP C 32 -12.08 -15.63 -0.83
CA ASP C 32 -13.00 -15.59 -1.99
C ASP C 32 -13.38 -14.16 -2.38
N GLY C 33 -12.94 -13.14 -1.62
CA GLY C 33 -13.18 -11.72 -1.92
C GLY C 33 -14.29 -11.11 -1.11
N GLU C 34 -14.99 -11.91 -0.33
CA GLU C 34 -16.10 -11.35 0.47
C GLU C 34 -15.56 -10.48 1.61
N GLU C 35 -16.11 -9.28 1.78
CA GLU C 35 -15.66 -8.38 2.85
C GLU C 35 -16.71 -8.25 3.92
N ARG C 36 -16.33 -8.49 5.16
CA ARG C 36 -17.27 -8.38 6.28
C ARG C 36 -16.59 -7.71 7.46
N LEU C 37 -17.39 -7.26 8.42
CA LEU C 37 -16.88 -6.64 9.67
C LEU C 37 -16.76 -7.73 10.71
N ILE C 38 -15.60 -7.86 11.31
CA ILE C 38 -15.43 -8.83 12.41
C ILE C 38 -14.65 -8.14 13.52
N LEU C 39 -14.66 -8.77 14.69
CA LEU C 39 -13.85 -8.27 15.82
C LEU C 39 -12.51 -8.99 15.74
N VAL C 40 -11.43 -8.32 16.08
CA VAL C 40 -10.09 -8.94 16.04
C VAL C 40 -9.41 -8.71 17.39
N PRO C 41 -8.32 -9.41 17.71
CA PRO C 41 -7.55 -9.05 18.92
C PRO C 41 -6.93 -7.66 18.78
N GLU C 42 -6.55 -7.10 19.93
CA GLU C 42 -5.85 -5.83 19.91
C GLU C 42 -4.45 -6.04 19.32
N GLY C 43 -3.92 -5.01 18.67
CA GLY C 43 -2.64 -5.08 17.97
C GLY C 43 -2.73 -5.35 16.48
N ILE C 44 -3.89 -5.82 16.03
CA ILE C 44 -4.09 -6.10 14.59
C ILE C 44 -4.04 -4.77 13.87
N LYS C 45 -3.36 -4.70 12.75
CA LYS C 45 -3.39 -3.41 12.04
C LYS C 45 -3.82 -3.61 10.61
N VAL C 46 -4.13 -2.54 9.92
CA VAL C 46 -4.54 -2.70 8.52
C VAL C 46 -3.37 -3.33 7.79
N GLY C 47 -3.70 -4.25 6.90
CA GLY C 47 -2.69 -4.97 6.14
C GLY C 47 -2.35 -6.32 6.72
N ASP C 48 -2.61 -6.52 8.02
CA ASP C 48 -2.37 -7.80 8.66
C ASP C 48 -3.37 -8.84 8.18
N VAL C 49 -2.97 -10.10 8.25
CA VAL C 49 -3.84 -11.23 7.91
C VAL C 49 -4.20 -11.96 9.19
N VAL C 50 -5.46 -12.40 9.31
CA VAL C 50 -5.90 -13.20 10.45
C VAL C 50 -6.41 -14.57 9.98
N GLU C 51 -6.47 -15.49 10.90
CA GLU C 51 -6.91 -16.85 10.70
C GLU C 51 -8.11 -17.09 11.62
N VAL C 52 -9.06 -17.86 11.13
CA VAL C 52 -10.18 -18.36 11.98
C VAL C 52 -9.96 -19.86 12.06
N LYS C 53 -9.79 -20.41 13.23
CA LYS C 53 -9.61 -21.87 13.30
C LYS C 53 -10.35 -22.42 14.51
N LYS C 54 -10.66 -23.70 14.49
CA LYS C 54 -11.35 -24.37 15.60
C LYS C 54 -10.38 -24.56 16.78
N VAL C 55 -10.87 -24.51 18.00
CA VAL C 55 -10.04 -24.80 19.20
C VAL C 55 -10.44 -26.17 19.75
N GLY D 5 12.69 29.76 18.39
CA GLY D 5 13.96 29.75 17.64
C GLY D 5 13.87 28.94 16.35
N LYS D 6 14.96 28.92 15.58
CA LYS D 6 15.02 28.20 14.27
C LYS D 6 14.51 26.76 14.37
N LYS D 7 13.76 26.34 13.36
CA LYS D 7 13.17 24.97 13.29
C LYS D 7 14.21 24.00 12.72
N PHE D 8 14.39 22.84 13.34
CA PHE D 8 15.32 21.82 12.85
C PHE D 8 14.55 20.94 11.87
N VAL D 9 14.60 21.29 10.59
CA VAL D 9 13.73 20.60 9.60
C VAL D 9 14.52 19.80 8.57
N ALA D 10 13.90 18.72 8.15
CA ALA D 10 14.42 17.95 7.01
C ALA D 10 13.26 17.61 6.10
N ARG D 11 13.56 17.46 4.81
CA ARG D 11 12.56 17.20 3.78
C ARG D 11 12.50 15.73 3.45
N VAL D 12 11.29 15.16 3.50
CA VAL D 12 11.11 13.72 3.28
C VAL D 12 11.28 13.39 1.80
N VAL D 13 12.33 12.63 1.47
CA VAL D 13 12.60 12.26 0.08
C VAL D 13 12.05 10.88 -0.28
N GLU D 14 11.98 9.95 0.68
CA GLU D 14 11.36 8.65 0.46
C GLU D 14 10.68 8.20 1.74
N LEU D 15 9.63 7.39 1.59
CA LEU D 15 8.80 6.96 2.71
C LEU D 15 8.41 5.49 2.54
N LEU D 16 8.69 4.68 3.58
CA LEU D 16 8.43 3.24 3.55
C LEU D 16 7.72 2.77 4.80
N HIS D 17 6.67 1.96 4.61
CA HIS D 17 5.90 1.29 5.66
C HIS D 17 6.43 -0.12 5.92
N ASP D 18 7.43 -0.25 6.78
CA ASP D 18 7.89 -1.59 7.14
C ASP D 18 6.81 -2.30 7.97
N PRO D 19 6.25 -3.43 7.51
CA PRO D 19 5.21 -4.11 8.24
C PRO D 19 5.58 -4.52 9.67
N ALA D 20 6.83 -4.29 10.06
CA ALA D 20 7.28 -4.69 11.40
C ALA D 20 7.20 -3.49 12.33
N ARG D 21 7.36 -2.29 11.81
CA ARG D 21 7.19 -1.16 12.73
C ARG D 21 5.74 -0.70 12.67
N ASN D 22 5.39 0.25 13.52
CA ASN D 22 4.02 0.82 13.49
C ASN D 22 4.09 2.14 12.73
N ALA D 23 5.19 2.86 12.88
CA ALA D 23 5.33 4.12 12.15
C ALA D 23 6.12 3.85 10.88
N PRO D 24 5.92 4.60 9.79
CA PRO D 24 6.73 4.42 8.61
C PRO D 24 8.14 4.98 8.79
N VAL D 25 9.07 4.48 8.01
CA VAL D 25 10.45 4.98 8.06
C VAL D 25 10.73 5.82 6.81
N ALA D 26 11.21 7.04 7.04
CA ALA D 26 11.43 8.04 6.00
C ALA D 26 12.91 8.29 5.78
N ARG D 27 13.30 8.39 4.50
CA ARG D 27 14.58 8.99 4.15
C ARG D 27 14.39 10.49 4.06
N VAL D 28 15.23 11.27 4.77
CA VAL D 28 15.07 12.72 4.77
C VAL D 28 16.39 13.41 4.42
N ARG D 29 16.29 14.65 3.94
CA ARG D 29 17.45 15.45 3.57
C ARG D 29 17.52 16.68 4.47
N PHE D 30 18.71 16.90 5.01
CA PHE D 30 18.94 18.08 5.85
C PHE D 30 19.40 19.23 4.97
N GLU D 31 19.44 20.42 5.55
CA GLU D 31 19.88 21.70 4.91
C GLU D 31 21.22 21.51 4.21
N ASP D 32 22.18 20.85 4.84
CA ASP D 32 23.53 20.71 4.25
C ASP D 32 23.58 19.63 3.17
N GLY D 33 22.46 19.00 2.82
CA GLY D 33 22.52 17.95 1.83
C GLY D 33 22.69 16.54 2.37
N GLU D 34 23.01 16.37 3.65
CA GLU D 34 23.09 15.03 4.24
C GLU D 34 21.71 14.36 4.23
N GLU D 35 21.71 13.04 3.99
CA GLU D 35 20.45 12.26 3.94
C GLU D 35 20.53 11.11 4.94
N ARG D 36 19.50 10.91 5.75
CA ARG D 36 19.51 9.83 6.75
C ARG D 36 18.11 9.20 6.89
N LEU D 37 18.04 8.09 7.62
CA LEU D 37 16.77 7.39 7.89
C LEU D 37 16.25 7.76 9.27
N ILE D 38 15.02 8.25 9.35
CA ILE D 38 14.41 8.55 10.66
C ILE D 38 13.00 7.98 10.65
N LEU D 39 12.43 7.76 11.82
CA LEU D 39 11.03 7.30 11.88
C LEU D 39 10.17 8.56 11.89
N VAL D 40 9.10 8.58 11.13
CA VAL D 40 8.20 9.75 11.16
C VAL D 40 6.81 9.27 11.60
N PRO D 41 5.89 10.19 11.91
CA PRO D 41 4.59 9.79 12.33
C PRO D 41 3.78 9.24 11.16
N GLU D 42 2.82 8.40 11.47
CA GLU D 42 1.88 7.93 10.46
C GLU D 42 1.17 9.13 9.83
N GLY D 43 1.24 9.26 8.51
CA GLY D 43 0.62 10.39 7.83
C GLY D 43 1.54 11.25 6.97
N ILE D 44 2.84 11.10 7.14
CA ILE D 44 3.80 11.85 6.35
C ILE D 44 3.88 11.27 4.94
N LYS D 45 3.96 12.16 3.94
CA LYS D 45 4.15 11.82 2.52
C LYS D 45 5.53 12.24 2.05
N VAL D 46 5.97 11.62 0.95
CA VAL D 46 7.06 12.19 0.17
C VAL D 46 6.73 13.63 -0.16
N GLY D 47 7.72 14.53 -0.02
CA GLY D 47 7.53 15.95 -0.20
C GLY D 47 7.36 16.73 1.09
N ASP D 48 6.87 16.08 2.14
CA ASP D 48 6.63 16.76 3.42
C ASP D 48 7.94 17.20 4.07
N VAL D 49 7.84 18.26 4.86
CA VAL D 49 8.93 18.72 5.71
C VAL D 49 8.56 18.36 7.15
N VAL D 50 9.49 17.74 7.88
CA VAL D 50 9.28 17.35 9.27
C VAL D 50 10.20 18.15 10.17
N GLU D 51 9.86 18.18 11.45
CA GLU D 51 10.62 18.94 12.42
C GLU D 51 10.94 18.04 13.60
N VAL D 52 12.19 18.13 14.07
CA VAL D 52 12.58 17.56 15.37
C VAL D 52 12.69 18.71 16.35
N LYS D 53 11.78 18.75 17.35
CA LYS D 53 11.69 19.82 18.34
C LYS D 53 11.70 19.25 19.75
N LYS D 54 12.28 20.01 20.66
CA LYS D 54 12.32 19.55 22.06
C LYS D 54 10.93 19.69 22.65
N VAL D 55 10.48 18.72 23.44
CA VAL D 55 9.13 18.81 24.05
C VAL D 55 9.28 19.20 25.53
N LYS E 6 -2.20 13.20 19.98
CA LYS E 6 -1.03 12.39 20.40
C LYS E 6 0.22 12.94 19.70
N LYS E 7 1.41 12.57 20.18
CA LYS E 7 2.67 13.09 19.61
C LYS E 7 3.64 11.95 19.31
N PHE E 8 4.41 12.09 18.24
CA PHE E 8 5.43 11.07 17.89
C PHE E 8 6.67 11.41 18.74
N VAL E 9 6.93 10.62 19.78
CA VAL E 9 8.01 11.07 20.68
C VAL E 9 9.02 9.97 20.97
N ALA E 10 10.20 10.37 21.40
CA ALA E 10 11.33 9.52 21.76
C ALA E 10 12.16 10.28 22.78
N ARG E 11 12.85 9.54 23.63
CA ARG E 11 13.63 10.13 24.73
C ARG E 11 15.12 10.01 24.41
N VAL E 12 15.85 11.11 24.57
CA VAL E 12 17.29 11.12 24.31
C VAL E 12 18.00 10.28 25.37
N VAL E 13 18.77 9.29 24.94
CA VAL E 13 19.52 8.37 25.81
C VAL E 13 20.99 8.71 25.81
N GLU E 14 21.53 8.91 24.62
CA GLU E 14 22.95 9.28 24.44
C GLU E 14 23.00 10.51 23.52
N LEU E 15 24.04 11.32 23.66
CA LEU E 15 24.19 12.54 22.83
C LEU E 15 25.67 12.70 22.55
N LEU E 16 26.03 13.15 21.37
CA LEU E 16 27.45 13.23 20.97
C LEU E 16 27.60 14.37 19.97
N HIS E 17 28.48 15.33 20.23
CA HIS E 17 28.66 16.38 19.22
C HIS E 17 29.81 15.98 18.31
N ASP E 18 29.54 15.77 17.04
CA ASP E 18 30.59 15.49 16.06
C ASP E 18 31.10 16.83 15.54
N PRO E 19 32.39 17.15 15.70
CA PRO E 19 32.88 18.43 15.14
C PRO E 19 32.65 18.57 13.62
N ALA E 20 32.47 17.48 12.87
CA ALA E 20 32.15 17.57 11.45
C ALA E 20 30.74 18.10 11.20
N ARG E 21 29.75 17.49 11.82
CA ARG E 21 28.39 18.02 11.74
C ARG E 21 28.25 19.27 12.59
N ASN E 22 27.22 20.06 12.32
CA ASN E 22 26.96 21.20 13.19
C ASN E 22 25.90 20.90 14.25
N ALA E 23 25.06 19.88 14.03
CA ALA E 23 24.07 19.45 15.01
C ALA E 23 24.51 18.17 15.69
N PRO E 24 24.16 17.96 16.96
CA PRO E 24 24.58 16.72 17.63
C PRO E 24 23.78 15.53 17.14
N VAL E 25 24.38 14.34 17.22
CA VAL E 25 23.70 13.09 16.92
C VAL E 25 23.33 12.44 18.24
N ALA E 26 22.01 12.16 18.40
CA ALA E 26 21.41 11.54 19.56
C ALA E 26 21.06 10.08 19.27
N ARG E 27 21.26 9.22 20.29
CA ARG E 27 20.60 7.93 20.41
C ARG E 27 19.31 8.17 21.18
N VAL E 28 18.19 7.98 20.48
CA VAL E 28 16.83 8.20 21.04
C VAL E 28 16.07 6.89 21.14
N ARG E 29 15.12 6.83 22.05
CA ARG E 29 14.34 5.60 22.28
C ARG E 29 12.89 5.92 22.05
N PHE E 30 12.23 5.15 21.18
CA PHE E 30 10.81 5.37 20.86
C PHE E 30 9.92 4.77 21.94
N GLU E 31 8.63 5.04 21.87
CA GLU E 31 7.67 4.48 22.86
C GLU E 31 7.75 2.95 22.91
N ASP E 32 7.90 2.27 21.78
CA ASP E 32 7.94 0.80 21.78
C ASP E 32 9.33 0.23 22.10
N GLY E 33 10.29 1.05 22.50
CA GLY E 33 11.58 0.44 22.85
C GLY E 33 12.62 0.47 21.74
N GLU E 34 12.25 0.79 20.51
CA GLU E 34 13.31 0.81 19.47
C GLU E 34 14.20 2.03 19.70
N GLU E 35 15.51 1.84 19.65
CA GLU E 35 16.48 2.92 19.85
C GLU E 35 17.14 3.22 18.51
N ARG E 36 17.18 4.48 18.11
CA ARG E 36 17.80 4.85 16.86
C ARG E 36 18.73 6.06 17.06
N LEU E 37 19.49 6.35 16.01
CA LEU E 37 20.31 7.59 15.96
C LEU E 37 19.57 8.58 15.08
N ILE E 38 19.41 9.81 15.54
CA ILE E 38 18.76 10.90 14.75
C ILE E 38 19.56 12.18 14.95
N LEU E 39 19.39 13.16 14.07
CA LEU E 39 20.11 14.43 14.32
C LEU E 39 19.16 15.28 15.14
N VAL E 40 19.66 15.94 16.17
CA VAL E 40 18.79 16.78 17.02
C VAL E 40 19.34 18.20 17.02
N PRO E 41 18.50 19.20 17.33
CA PRO E 41 18.95 20.56 17.43
C PRO E 41 19.95 20.80 18.55
N GLU E 42 20.83 21.77 18.35
CA GLU E 42 21.82 22.14 19.34
C GLU E 42 21.09 22.63 20.59
N GLY E 43 21.24 21.89 21.68
CA GLY E 43 20.57 22.27 22.93
C GLY E 43 19.88 21.09 23.56
N ILE E 44 19.63 20.03 22.79
CA ILE E 44 18.97 18.83 23.36
C ILE E 44 19.96 18.20 24.34
N LYS E 45 19.49 17.73 25.49
CA LYS E 45 20.44 17.08 26.42
C LYS E 45 19.96 15.65 26.68
N VAL E 46 20.85 14.79 27.14
CA VAL E 46 20.46 13.39 27.46
C VAL E 46 19.31 13.49 28.46
N GLY E 47 18.17 12.89 28.14
CA GLY E 47 16.99 12.96 29.04
C GLY E 47 15.85 13.77 28.43
N ASP E 48 16.10 14.57 27.41
CA ASP E 48 14.94 15.30 26.90
C ASP E 48 14.00 14.32 26.17
N VAL E 49 12.79 14.77 25.91
CA VAL E 49 11.90 14.10 24.96
C VAL E 49 11.87 14.96 23.70
N VAL E 50 12.02 14.32 22.54
CA VAL E 50 11.93 15.04 21.29
C VAL E 50 10.71 14.54 20.53
N GLU E 51 10.05 15.48 19.87
CA GLU E 51 8.92 15.20 18.99
C GLU E 51 9.37 15.34 17.54
N VAL E 52 8.84 14.48 16.69
CA VAL E 52 9.05 14.62 15.22
C VAL E 52 7.68 14.99 14.69
N LYS E 53 7.53 16.12 14.01
CA LYS E 53 6.17 16.42 13.54
C LYS E 53 6.24 17.13 12.19
N LYS E 54 5.16 17.04 11.44
CA LYS E 54 5.09 17.69 10.12
C LYS E 54 5.01 19.19 10.34
N VAL E 55 5.69 19.98 9.51
CA VAL E 55 5.64 21.45 9.63
C VAL E 55 4.82 21.97 8.46
N GLY F 5 20.60 -2.98 -16.30
CA GLY F 5 22.03 -3.05 -15.95
C GLY F 5 22.45 -4.47 -15.66
N LYS F 6 23.27 -4.66 -14.63
CA LYS F 6 23.72 -6.01 -14.23
C LYS F 6 22.50 -6.71 -13.64
N LYS F 7 22.29 -7.99 -13.93
CA LYS F 7 21.10 -8.75 -13.47
C LYS F 7 21.07 -8.90 -11.95
N PHE F 8 19.99 -8.44 -11.31
CA PHE F 8 19.75 -8.50 -9.84
C PHE F 8 19.29 -9.91 -9.47
N VAL F 9 20.19 -10.69 -8.91
CA VAL F 9 19.97 -12.11 -8.73
C VAL F 9 20.27 -12.51 -7.29
N ALA F 10 19.78 -13.70 -6.92
CA ALA F 10 19.97 -14.24 -5.58
C ALA F 10 19.88 -15.76 -5.69
N ARG F 11 20.63 -16.46 -4.85
CA ARG F 11 20.60 -17.92 -4.87
C ARG F 11 19.55 -18.40 -3.87
N VAL F 12 18.69 -19.32 -4.31
CA VAL F 12 17.73 -19.98 -3.42
C VAL F 12 18.49 -21.01 -2.62
N VAL F 13 18.39 -20.91 -1.28
CA VAL F 13 19.12 -21.74 -0.33
C VAL F 13 18.18 -22.63 0.47
N GLU F 14 16.92 -22.24 0.57
CA GLU F 14 15.88 -23.04 1.29
C GLU F 14 14.49 -22.79 0.69
N LEU F 15 13.64 -23.79 0.72
CA LEU F 15 12.27 -23.59 0.22
C LEU F 15 11.27 -23.90 1.33
N LEU F 16 10.52 -22.88 1.72
CA LEU F 16 9.56 -23.02 2.85
C LEU F 16 8.14 -22.94 2.32
N HIS F 17 7.18 -23.19 3.20
CA HIS F 17 5.78 -23.15 2.75
C HIS F 17 5.02 -22.13 3.58
N ASP F 18 4.30 -21.24 2.92
CA ASP F 18 3.45 -20.22 3.59
C ASP F 18 2.08 -20.87 3.71
N PRO F 19 1.54 -21.11 4.91
CA PRO F 19 0.25 -21.76 5.07
C PRO F 19 -0.97 -20.86 4.92
N ALA F 20 -0.78 -19.56 5.09
CA ALA F 20 -1.87 -18.59 4.89
C ALA F 20 -2.20 -18.65 3.40
N ARG F 21 -1.15 -18.49 2.61
CA ARG F 21 -1.23 -18.67 1.15
C ARG F 21 -0.86 -20.12 0.90
N ASN F 22 -1.34 -20.73 -0.17
CA ASN F 22 -0.81 -22.08 -0.43
C ASN F 22 0.29 -21.83 -1.46
N ALA F 23 1.43 -21.29 -1.03
CA ALA F 23 2.46 -20.82 -1.96
C ALA F 23 3.83 -20.98 -1.33
N PRO F 24 4.88 -21.18 -2.14
CA PRO F 24 6.22 -21.31 -1.65
C PRO F 24 6.90 -19.97 -1.36
N VAL F 25 7.77 -19.98 -0.37
CA VAL F 25 8.59 -18.82 0.02
C VAL F 25 10.02 -19.34 0.11
N ALA F 26 10.91 -18.72 -0.62
CA ALA F 26 12.31 -19.14 -0.67
C ALA F 26 13.17 -18.24 0.19
N ARG F 27 14.07 -18.84 0.94
CA ARG F 27 15.10 -18.10 1.69
C ARG F 27 16.18 -17.86 0.64
N VAL F 28 16.48 -16.62 0.31
CA VAL F 28 17.47 -16.41 -0.77
C VAL F 28 18.69 -15.67 -0.27
N ARG F 29 19.76 -15.78 -1.04
CA ARG F 29 21.03 -15.20 -0.62
C ARG F 29 21.57 -14.25 -1.67
N PHE F 30 21.74 -13.00 -1.29
CA PHE F 30 22.24 -11.99 -2.19
C PHE F 30 23.76 -12.02 -2.30
N GLU F 31 24.29 -11.29 -3.29
CA GLU F 31 25.73 -11.16 -3.52
C GLU F 31 26.48 -10.69 -2.28
N ASP F 32 25.90 -9.81 -1.48
CA ASP F 32 26.57 -9.35 -0.27
C ASP F 32 26.40 -10.29 0.93
N GLY F 33 25.86 -11.50 0.71
CA GLY F 33 25.66 -12.43 1.81
C GLY F 33 24.40 -12.21 2.62
N GLU F 34 23.64 -11.16 2.33
CA GLU F 34 22.32 -10.98 2.91
C GLU F 34 21.39 -12.12 2.53
N GLU F 35 20.55 -12.52 3.47
CA GLU F 35 19.53 -13.53 3.25
C GLU F 35 18.18 -12.93 3.56
N ARG F 36 17.20 -13.12 2.66
CA ARG F 36 15.81 -12.69 2.93
C ARG F 36 14.84 -13.79 2.50
N LEU F 37 13.56 -13.57 2.82
CA LEU F 37 12.45 -14.45 2.44
C LEU F 37 11.59 -13.80 1.36
N ILE F 38 11.38 -14.50 0.25
CA ILE F 38 10.51 -13.95 -0.79
C ILE F 38 9.45 -14.96 -1.25
N LEU F 39 8.26 -14.47 -1.56
CA LEU F 39 7.38 -15.25 -2.45
C LEU F 39 8.08 -15.52 -3.77
N VAL F 40 8.04 -16.76 -4.21
CA VAL F 40 8.62 -17.13 -5.52
C VAL F 40 7.55 -17.80 -6.35
N PRO F 41 7.81 -18.06 -7.64
CA PRO F 41 6.90 -18.78 -8.48
C PRO F 41 6.95 -20.29 -8.25
N GLU F 42 6.15 -21.00 -9.00
CA GLU F 42 6.13 -22.47 -8.87
C GLU F 42 7.25 -23.03 -9.73
N GLY F 43 7.89 -24.09 -9.27
CA GLY F 43 8.97 -24.71 -10.05
C GLY F 43 10.35 -24.30 -9.61
N ILE F 44 10.42 -23.44 -8.60
CA ILE F 44 11.75 -23.04 -8.08
C ILE F 44 12.24 -24.16 -7.18
N LYS F 45 13.52 -24.48 -7.25
CA LYS F 45 14.19 -25.48 -6.44
C LYS F 45 15.29 -24.80 -5.63
N VAL F 46 15.60 -25.39 -4.47
CA VAL F 46 16.84 -25.05 -3.81
C VAL F 46 17.98 -25.19 -4.79
N GLY F 47 18.88 -24.21 -4.80
CA GLY F 47 20.03 -24.21 -5.67
C GLY F 47 19.85 -23.45 -6.97
N ASP F 48 18.63 -23.02 -7.28
CA ASP F 48 18.45 -22.15 -8.42
C ASP F 48 18.75 -20.72 -8.02
N VAL F 49 18.79 -19.89 -9.05
CA VAL F 49 19.02 -18.46 -8.96
C VAL F 49 17.76 -17.78 -9.45
N VAL F 50 17.27 -16.82 -8.70
CA VAL F 50 16.09 -16.09 -9.13
C VAL F 50 16.49 -14.67 -9.43
N GLU F 51 15.77 -14.04 -10.36
CA GLU F 51 15.98 -12.66 -10.76
C GLU F 51 14.76 -11.85 -10.39
N VAL F 52 14.97 -10.61 -9.92
CA VAL F 52 13.91 -9.62 -9.84
C VAL F 52 14.18 -8.57 -10.92
N LYS F 53 13.15 -8.25 -11.70
CA LYS F 53 13.31 -7.52 -12.95
C LYS F 53 12.09 -6.67 -13.27
N LYS F 54 12.33 -5.46 -13.76
CA LYS F 54 11.20 -4.64 -14.18
C LYS F 54 10.56 -5.25 -15.41
N VAL F 55 9.23 -5.09 -15.51
CA VAL F 55 8.41 -5.52 -16.65
C VAL F 55 7.76 -4.29 -17.30
N LYS G 7 12.73 -5.00 -32.82
CA LYS G 7 11.53 -5.54 -32.17
C LYS G 7 10.69 -4.47 -31.50
N PHE G 8 9.72 -3.94 -32.26
CA PHE G 8 8.74 -2.95 -31.80
C PHE G 8 7.71 -3.64 -30.90
N VAL G 9 7.88 -3.55 -29.57
CA VAL G 9 7.16 -4.39 -28.63
C VAL G 9 6.26 -3.55 -27.73
N ALA G 10 5.12 -4.14 -27.33
CA ALA G 10 4.24 -3.60 -26.31
C ALA G 10 3.72 -4.73 -25.42
N ARG G 11 3.63 -4.44 -24.13
CA ARG G 11 3.21 -5.41 -23.12
C ARG G 11 1.70 -5.33 -22.90
N VAL G 12 1.02 -6.48 -22.89
CA VAL G 12 -0.43 -6.50 -22.70
C VAL G 12 -0.76 -6.38 -21.21
N VAL G 13 -1.46 -5.30 -20.84
CA VAL G 13 -1.87 -5.07 -19.45
C VAL G 13 -3.37 -5.35 -19.21
N GLU G 14 -4.18 -5.47 -20.28
CA GLU G 14 -5.60 -5.77 -20.18
C GLU G 14 -6.04 -6.39 -21.49
N LEU G 15 -6.95 -7.35 -21.41
CA LEU G 15 -7.49 -8.06 -22.56
C LEU G 15 -8.97 -8.32 -22.34
N LEU G 16 -9.74 -8.27 -23.42
CA LEU G 16 -11.19 -8.39 -23.39
C LEU G 16 -11.69 -8.90 -24.72
N HIS G 17 -12.24 -10.13 -24.71
CA HIS G 17 -12.98 -10.67 -25.85
C HIS G 17 -14.36 -10.05 -25.89
N ASP G 18 -14.54 -9.12 -26.84
CA ASP G 18 -15.84 -8.57 -27.18
C ASP G 18 -16.51 -9.47 -28.21
N PRO G 19 -17.67 -10.09 -27.90
CA PRO G 19 -18.34 -10.96 -28.90
C PRO G 19 -18.60 -10.30 -30.26
N ALA G 20 -18.55 -8.97 -30.32
CA ALA G 20 -18.76 -8.17 -31.54
C ALA G 20 -17.66 -8.38 -32.58
N ARG G 21 -16.42 -8.53 -32.13
CA ARG G 21 -15.26 -8.79 -32.97
C ARG G 21 -14.93 -10.27 -32.92
N ASN G 22 -14.03 -10.72 -33.78
CA ASN G 22 -13.51 -12.08 -33.58
C ASN G 22 -12.17 -12.06 -32.87
N ALA G 23 -11.48 -10.96 -32.95
CA ALA G 23 -10.24 -10.89 -32.22
C ALA G 23 -10.43 -10.07 -30.95
N PRO G 24 -9.82 -10.45 -29.84
CA PRO G 24 -9.87 -9.62 -28.63
C PRO G 24 -9.08 -8.33 -28.82
N VAL G 25 -9.48 -7.32 -28.06
CA VAL G 25 -8.83 -6.02 -28.04
C VAL G 25 -8.00 -5.93 -26.78
N ALA G 26 -6.74 -5.47 -26.91
CA ALA G 26 -5.81 -5.44 -25.78
C ALA G 26 -5.48 -4.03 -25.34
N ARG G 27 -5.23 -3.83 -24.04
CA ARG G 27 -4.67 -2.58 -23.55
C ARG G 27 -3.19 -2.83 -23.35
N VAL G 28 -2.35 -2.20 -24.16
CA VAL G 28 -0.93 -2.54 -24.22
C VAL G 28 -0.14 -1.37 -23.65
N ARG G 29 1.03 -1.65 -23.07
CA ARG G 29 1.91 -0.60 -22.53
C ARG G 29 3.21 -0.56 -23.32
N PHE G 30 3.49 0.57 -23.95
CA PHE G 30 4.72 0.70 -24.73
C PHE G 30 5.89 1.06 -23.78
N GLU G 31 7.10 0.97 -24.31
CA GLU G 31 8.31 1.12 -23.49
C GLU G 31 8.35 2.47 -22.79
N ASP G 32 7.73 3.49 -23.38
CA ASP G 32 7.73 4.84 -22.77
C ASP G 32 6.54 5.01 -21.83
N GLY G 33 5.83 3.94 -21.53
CA GLY G 33 4.71 4.09 -20.59
C GLY G 33 3.41 4.49 -21.27
N GLU G 34 3.37 4.52 -22.59
CA GLU G 34 2.09 4.87 -23.26
C GLU G 34 1.20 3.62 -23.24
N GLU G 35 -0.05 3.81 -22.94
CA GLU G 35 -1.04 2.71 -22.98
C GLU G 35 -2.02 3.05 -24.11
N ARG G 36 -2.35 2.05 -24.91
CA ARG G 36 -3.19 2.20 -26.09
C ARG G 36 -3.95 0.90 -26.27
N LEU G 37 -5.13 0.95 -26.91
CA LEU G 37 -5.89 -0.25 -27.25
C LEU G 37 -5.61 -0.63 -28.70
N ILE G 38 -5.36 -1.93 -28.95
CA ILE G 38 -5.12 -2.45 -30.30
C ILE G 38 -5.78 -3.82 -30.33
N LEU G 39 -5.98 -4.35 -31.54
CA LEU G 39 -6.47 -5.71 -31.72
C LEU G 39 -5.29 -6.68 -31.70
N VAL G 40 -5.44 -7.78 -30.97
CA VAL G 40 -4.38 -8.78 -30.88
C VAL G 40 -5.00 -10.14 -31.25
N PRO G 41 -4.19 -11.11 -31.62
CA PRO G 41 -4.75 -12.37 -32.11
C PRO G 41 -5.34 -13.18 -30.95
N GLU G 42 -6.20 -14.12 -31.30
CA GLU G 42 -6.65 -15.07 -30.30
C GLU G 42 -5.48 -15.91 -29.82
N GLY G 43 -5.11 -15.73 -28.58
CA GLY G 43 -3.96 -16.38 -28.02
C GLY G 43 -3.37 -15.55 -26.93
N ILE G 44 -3.47 -14.23 -27.07
CA ILE G 44 -2.82 -13.29 -26.17
C ILE G 44 -3.51 -13.28 -24.81
N LYS G 45 -2.71 -13.33 -23.73
CA LYS G 45 -3.21 -13.08 -22.40
C LYS G 45 -2.45 -11.92 -21.76
N VAL G 46 -3.07 -11.35 -20.73
CA VAL G 46 -2.41 -10.33 -19.91
C VAL G 46 -1.04 -10.88 -19.47
N GLY G 47 -0.05 -10.00 -19.37
CA GLY G 47 1.32 -10.42 -19.13
C GLY G 47 2.13 -10.75 -20.38
N ASP G 48 1.49 -11.22 -21.45
CA ASP G 48 2.26 -11.47 -22.67
C ASP G 48 2.84 -10.16 -23.20
N VAL G 49 3.78 -10.31 -24.13
CA VAL G 49 4.34 -9.21 -24.90
C VAL G 49 3.99 -9.45 -26.37
N VAL G 50 3.53 -8.41 -27.04
CA VAL G 50 3.31 -8.49 -28.48
C VAL G 50 4.23 -7.50 -29.18
N GLU G 51 4.40 -7.75 -30.46
CA GLU G 51 5.23 -6.93 -31.31
C GLU G 51 4.46 -6.69 -32.60
N VAL G 52 4.66 -5.52 -33.19
CA VAL G 52 4.04 -5.18 -34.48
C VAL G 52 5.16 -5.13 -35.52
N LYS G 53 5.21 -6.16 -36.34
CA LYS G 53 6.29 -6.36 -37.30
C LYS G 53 5.71 -6.21 -38.71
N LYS G 54 6.58 -5.88 -39.66
CA LYS G 54 6.14 -5.75 -41.04
C LYS G 54 6.02 -7.12 -41.69
N VAL G 55 5.09 -7.24 -42.63
CA VAL G 55 5.06 -8.38 -43.53
C VAL G 55 4.85 -7.82 -44.95
N LYS H 6 -5.05 -14.94 26.73
CA LYS H 6 -6.52 -14.77 26.79
C LYS H 6 -7.00 -14.82 25.34
N LYS H 7 -6.95 -16.00 24.72
CA LYS H 7 -7.26 -16.17 23.27
C LYS H 7 -8.60 -15.57 22.88
N PHE H 8 -8.65 -14.99 21.68
CA PHE H 8 -9.86 -14.36 21.12
C PHE H 8 -10.74 -15.48 20.60
N VAL H 9 -11.66 -15.93 21.44
CA VAL H 9 -12.53 -17.05 21.07
C VAL H 9 -13.99 -16.61 20.97
N ALA H 10 -14.82 -17.55 20.50
CA ALA H 10 -16.27 -17.42 20.43
C ALA H 10 -16.84 -18.80 20.12
N ARG H 11 -18.04 -19.04 20.64
CA ARG H 11 -18.73 -20.34 20.46
C ARG H 11 -19.75 -20.25 19.33
N VAL H 12 -19.67 -21.20 18.41
CA VAL H 12 -20.58 -21.26 17.23
C VAL H 12 -21.97 -21.66 17.73
N VAL H 13 -22.94 -20.77 17.55
CA VAL H 13 -24.33 -21.00 18.03
C VAL H 13 -25.19 -21.65 16.95
N GLU H 14 -25.04 -21.23 15.69
CA GLU H 14 -25.81 -21.80 14.57
C GLU H 14 -25.09 -21.53 13.25
N LEU H 15 -25.25 -22.43 12.28
CA LEU H 15 -24.57 -22.26 10.97
C LEU H 15 -25.59 -21.98 9.87
N LEU H 16 -25.32 -20.96 9.06
CA LEU H 16 -26.18 -20.61 7.91
C LEU H 16 -25.40 -21.04 6.67
N HIS H 17 -26.01 -21.83 5.80
CA HIS H 17 -25.24 -22.30 4.62
C HIS H 17 -25.78 -21.66 3.35
N ASP H 18 -25.12 -20.62 2.86
CA ASP H 18 -25.55 -20.05 1.57
C ASP H 18 -24.95 -20.97 0.52
N PRO H 19 -25.64 -21.23 -0.60
CA PRO H 19 -25.06 -22.02 -1.66
C PRO H 19 -24.21 -21.09 -2.54
N ALA H 20 -24.39 -19.78 -2.40
CA ALA H 20 -23.60 -18.71 -3.03
C ALA H 20 -22.39 -18.37 -2.13
N ARG H 21 -21.67 -19.38 -1.67
CA ARG H 21 -20.51 -19.32 -0.76
C ARG H 21 -20.02 -20.75 -0.57
N ASN H 22 -18.73 -20.91 -0.30
CA ASN H 22 -18.13 -22.24 -0.11
C ASN H 22 -18.04 -22.51 1.39
N ALA H 23 -17.90 -21.43 2.16
CA ALA H 23 -17.76 -21.49 3.62
C ALA H 23 -19.05 -21.07 4.30
N PRO H 24 -19.51 -21.78 5.34
CA PRO H 24 -20.75 -21.42 6.01
C PRO H 24 -20.62 -20.13 6.81
N VAL H 25 -21.75 -19.48 7.07
CA VAL H 25 -21.74 -18.27 7.93
C VAL H 25 -22.13 -18.73 9.33
N ALA H 26 -21.31 -18.40 10.32
CA ALA H 26 -21.54 -18.84 11.69
C ALA H 26 -21.95 -17.69 12.58
N ARG H 27 -22.97 -17.93 13.40
CA ARG H 27 -23.42 -16.99 14.43
C ARG H 27 -22.64 -17.47 15.66
N VAL H 28 -21.79 -16.64 16.21
CA VAL H 28 -20.94 -17.11 17.33
C VAL H 28 -21.22 -16.25 18.56
N ARG H 29 -21.04 -16.80 19.74
CA ARG H 29 -21.28 -16.00 20.96
C ARG H 29 -19.92 -15.86 21.64
N PHE H 30 -19.57 -14.66 22.06
CA PHE H 30 -18.23 -14.45 22.68
C PHE H 30 -18.24 -14.74 24.19
N GLU H 31 -17.46 -13.95 24.92
CA GLU H 31 -17.37 -14.12 26.40
C GLU H 31 -18.33 -13.11 27.02
N ASP H 32 -18.54 -11.98 26.34
CA ASP H 32 -19.41 -10.92 26.89
C ASP H 32 -20.87 -11.12 26.48
N GLY H 33 -21.19 -12.26 25.87
CA GLY H 33 -22.55 -12.61 25.40
C GLY H 33 -22.88 -12.01 24.05
N GLU H 34 -21.98 -11.22 23.47
CA GLU H 34 -22.24 -10.59 22.16
C GLU H 34 -22.25 -11.68 21.10
N GLU H 35 -23.09 -11.49 20.11
CA GLU H 35 -23.21 -12.44 18.99
C GLU H 35 -22.95 -11.70 17.69
N ARG H 36 -22.13 -12.30 16.83
CA ARG H 36 -21.83 -11.70 15.51
C ARG H 36 -21.76 -12.83 14.49
N LEU H 37 -21.80 -12.46 13.21
CA LEU H 37 -21.70 -13.46 12.12
C LEU H 37 -20.26 -13.45 11.61
N ILE H 38 -19.67 -14.63 11.42
CA ILE H 38 -18.31 -14.71 10.81
C ILE H 38 -18.29 -15.92 9.87
N LEU H 39 -17.35 -15.91 8.93
CA LEU H 39 -17.17 -17.08 8.05
C LEU H 39 -16.29 -18.05 8.83
N VAL H 40 -16.59 -19.33 8.74
CA VAL H 40 -15.72 -20.31 9.45
C VAL H 40 -15.21 -21.32 8.44
N PRO H 41 -14.12 -22.01 8.74
CA PRO H 41 -13.70 -23.17 7.94
C PRO H 41 -14.79 -24.24 7.75
N GLU H 42 -14.89 -24.79 6.53
CA GLU H 42 -15.71 -25.97 6.24
C GLU H 42 -15.27 -27.10 7.17
N GLY H 43 -16.18 -27.57 8.01
CA GLY H 43 -15.82 -28.64 8.97
C GLY H 43 -16.05 -28.20 10.40
N ILE H 44 -16.68 -27.06 10.59
CA ILE H 44 -17.00 -26.55 11.94
C ILE H 44 -18.45 -26.96 12.21
N LYS H 45 -18.76 -27.42 13.41
CA LYS H 45 -20.15 -27.82 13.74
C LYS H 45 -20.65 -26.96 14.89
N VAL H 46 -21.96 -26.93 15.12
CA VAL H 46 -22.54 -26.13 16.23
C VAL H 46 -21.99 -26.70 17.53
N GLY H 47 -21.57 -25.84 18.46
CA GLY H 47 -21.01 -26.33 19.73
C GLY H 47 -19.52 -26.08 19.78
N ASP H 48 -18.88 -25.97 18.61
CA ASP H 48 -17.44 -25.74 18.60
C ASP H 48 -17.09 -24.29 18.99
N VAL H 49 -15.89 -24.13 19.56
CA VAL H 49 -15.29 -22.82 19.79
C VAL H 49 -14.33 -22.52 18.64
N VAL H 50 -14.39 -21.30 18.11
CA VAL H 50 -13.53 -20.86 17.03
C VAL H 50 -12.68 -19.70 17.53
N GLU H 51 -11.43 -19.68 17.06
CA GLU H 51 -10.48 -18.66 17.42
C GLU H 51 -10.20 -17.78 16.21
N VAL H 52 -10.14 -16.47 16.43
CA VAL H 52 -9.50 -15.52 15.53
C VAL H 52 -8.11 -15.21 16.10
N LYS H 53 -7.08 -15.39 15.27
CA LYS H 53 -5.68 -15.13 15.66
C LYS H 53 -4.85 -14.65 14.47
N LYS H 54 -3.88 -13.78 14.74
CA LYS H 54 -3.00 -13.19 13.70
C LYS H 54 -2.11 -14.28 13.09
N VAL H 55 -1.80 -14.13 11.82
CA VAL H 55 -0.89 -15.06 11.09
C VAL H 55 0.40 -14.30 10.80
N LYS I 7 -30.42 -12.75 -5.38
CA LYS I 7 -29.28 -11.85 -5.72
C LYS I 7 -28.78 -12.20 -7.11
N PHE I 8 -29.06 -11.34 -8.08
CA PHE I 8 -28.70 -11.52 -9.52
C PHE I 8 -27.23 -11.14 -9.69
N VAL I 9 -26.37 -12.11 -9.93
CA VAL I 9 -24.92 -11.76 -9.96
C VAL I 9 -24.25 -12.35 -11.18
N ALA I 10 -23.00 -11.94 -11.41
CA ALA I 10 -22.22 -12.44 -12.55
C ALA I 10 -20.75 -12.36 -12.20
N ARG I 11 -19.90 -13.18 -12.81
CA ARG I 11 -18.47 -13.07 -12.45
C ARG I 11 -17.63 -12.40 -13.55
N VAL I 12 -16.85 -11.41 -13.16
CA VAL I 12 -15.98 -10.68 -14.10
C VAL I 12 -14.95 -11.67 -14.63
N VAL I 13 -15.03 -12.03 -15.89
CA VAL I 13 -14.02 -12.90 -16.49
C VAL I 13 -12.94 -12.11 -17.24
N GLU I 14 -13.26 -10.89 -17.74
CA GLU I 14 -12.21 -10.02 -18.28
C GLU I 14 -12.53 -8.57 -17.93
N LEU I 15 -11.47 -7.74 -17.84
CA LEU I 15 -11.64 -6.30 -17.57
C LEU I 15 -10.74 -5.49 -18.49
N LEU I 16 -11.24 -4.31 -18.90
CA LEU I 16 -10.55 -3.41 -19.82
C LEU I 16 -10.90 -1.96 -19.47
N HIS I 17 -9.87 -1.12 -19.34
CA HIS I 17 -9.98 0.32 -19.15
C HIS I 17 -9.79 1.00 -20.51
N ASP I 18 -10.91 1.36 -21.13
CA ASP I 18 -10.90 2.10 -22.39
C ASP I 18 -10.80 3.59 -22.07
N PRO I 19 -9.80 4.30 -22.58
CA PRO I 19 -9.73 5.74 -22.29
C PRO I 19 -10.90 6.55 -22.85
N ALA I 20 -11.61 6.06 -23.86
CA ALA I 20 -12.83 6.73 -24.35
C ALA I 20 -14.05 6.51 -23.45
N ARG I 21 -13.86 5.82 -22.32
CA ARG I 21 -14.87 5.66 -21.29
C ARG I 21 -14.27 6.09 -19.95
N ASN I 22 -15.11 6.14 -18.93
CA ASN I 22 -14.64 6.48 -17.58
C ASN I 22 -14.70 5.26 -16.68
N ALA I 23 -15.86 4.61 -16.59
CA ALA I 23 -16.02 3.28 -16.02
C ALA I 23 -15.34 2.22 -16.90
N PRO I 24 -14.65 1.25 -16.30
CA PRO I 24 -14.17 0.10 -17.07
C PRO I 24 -15.29 -0.78 -17.61
N VAL I 25 -14.99 -1.40 -18.74
CA VAL I 25 -15.87 -2.38 -19.35
C VAL I 25 -15.44 -3.76 -18.91
N ALA I 26 -16.39 -4.58 -18.42
CA ALA I 26 -16.11 -5.96 -18.04
C ALA I 26 -16.91 -6.94 -18.89
N ARG I 27 -16.40 -8.17 -18.98
CA ARG I 27 -17.09 -9.31 -19.59
C ARG I 27 -17.47 -10.29 -18.47
N VAL I 28 -18.77 -10.46 -18.28
CA VAL I 28 -19.25 -11.26 -17.13
C VAL I 28 -19.86 -12.60 -17.54
N ARG I 29 -19.63 -13.55 -16.65
CA ARG I 29 -20.11 -14.94 -16.68
C ARG I 29 -21.35 -14.95 -15.79
N PHE I 30 -22.48 -15.35 -16.35
CA PHE I 30 -23.71 -15.46 -15.53
C PHE I 30 -23.76 -16.84 -14.89
N GLU I 31 -24.73 -17.07 -14.01
CA GLU I 31 -24.74 -18.37 -13.36
C GLU I 31 -24.97 -19.50 -14.37
N ASP I 32 -25.81 -19.26 -15.36
CA ASP I 32 -26.11 -20.27 -16.41
C ASP I 32 -25.03 -20.25 -17.48
N GLY I 33 -23.84 -19.74 -17.15
CA GLY I 33 -22.67 -19.70 -18.06
C GLY I 33 -22.76 -18.71 -19.20
N GLU I 34 -23.75 -17.81 -19.21
CA GLU I 34 -23.83 -16.85 -20.33
C GLU I 34 -22.86 -15.70 -20.03
N GLU I 35 -22.24 -15.15 -21.08
CA GLU I 35 -21.23 -14.07 -20.91
C GLU I 35 -21.60 -12.88 -21.79
N ARG I 36 -21.71 -11.68 -21.22
CA ARG I 36 -21.99 -10.44 -21.98
C ARG I 36 -21.07 -9.32 -21.46
N LEU I 37 -21.08 -8.17 -22.13
CA LEU I 37 -20.30 -6.98 -21.76
C LEU I 37 -21.17 -6.00 -20.98
N ILE I 38 -20.69 -5.52 -19.82
CA ILE I 38 -21.43 -4.59 -18.96
C ILE I 38 -20.46 -3.59 -18.32
N LEU I 39 -20.88 -2.31 -18.28
CA LEU I 39 -20.11 -1.27 -17.61
C LEU I 39 -20.17 -1.50 -16.09
N VAL I 40 -19.00 -1.43 -15.45
CA VAL I 40 -18.81 -1.81 -14.05
C VAL I 40 -18.08 -0.67 -13.36
N PRO I 41 -18.26 -0.50 -12.05
CA PRO I 41 -17.61 0.63 -11.35
C PRO I 41 -16.09 0.44 -11.24
N GLU I 42 -15.40 1.57 -11.10
CA GLU I 42 -13.96 1.53 -10.89
C GLU I 42 -13.64 0.78 -9.59
N GLY I 43 -12.73 -0.17 -9.67
CA GLY I 43 -12.34 -0.93 -8.48
C GLY I 43 -12.50 -2.43 -8.68
N ILE I 44 -13.29 -2.79 -9.69
CA ILE I 44 -13.48 -4.19 -10.06
C ILE I 44 -12.20 -4.69 -10.72
N LYS I 45 -11.89 -5.96 -10.50
CA LYS I 45 -10.87 -6.69 -11.25
C LYS I 45 -11.41 -8.09 -11.55
N VAL I 46 -10.75 -8.77 -12.49
CA VAL I 46 -11.14 -10.15 -12.87
C VAL I 46 -11.39 -11.03 -11.62
N GLY I 47 -12.26 -12.04 -11.79
CA GLY I 47 -12.59 -12.95 -10.72
C GLY I 47 -13.49 -12.39 -9.64
N ASP I 48 -13.70 -11.07 -9.62
CA ASP I 48 -14.68 -10.46 -8.74
C ASP I 48 -16.09 -10.88 -9.16
N VAL I 49 -17.05 -10.62 -8.26
CA VAL I 49 -18.48 -10.92 -8.53
C VAL I 49 -19.25 -9.62 -8.45
N VAL I 50 -20.18 -9.40 -9.37
CA VAL I 50 -20.97 -8.14 -9.43
C VAL I 50 -22.44 -8.48 -9.41
N GLU I 51 -23.19 -7.62 -8.73
CA GLU I 51 -24.66 -7.72 -8.51
C GLU I 51 -25.35 -6.64 -9.32
N VAL I 52 -26.43 -7.01 -9.99
CA VAL I 52 -27.29 -6.04 -10.70
C VAL I 52 -28.60 -6.08 -9.93
N LYS I 53 -28.94 -5.03 -9.21
CA LYS I 53 -30.18 -5.09 -8.42
C LYS I 53 -30.89 -3.74 -8.51
N LYS I 54 -32.20 -3.76 -8.27
CA LYS I 54 -33.06 -2.55 -8.33
C LYS I 54 -32.66 -1.63 -7.19
N VAL I 55 -32.54 -0.34 -7.46
CA VAL I 55 -32.21 0.61 -6.37
C VAL I 55 -33.54 1.11 -5.81
N LYS J 7 -15.17 26.61 11.63
CA LYS J 7 -14.78 26.76 13.06
C LYS J 7 -14.99 25.46 13.84
N PHE J 8 -16.19 24.86 13.79
CA PHE J 8 -16.44 23.63 14.57
C PHE J 8 -15.95 22.43 13.74
N VAL J 9 -14.75 21.94 14.02
CA VAL J 9 -14.19 20.88 13.14
C VAL J 9 -13.55 19.78 13.99
N ALA J 10 -13.19 18.67 13.35
CA ALA J 10 -12.57 17.52 14.04
C ALA J 10 -11.66 16.78 13.07
N ARG J 11 -10.71 16.01 13.60
CA ARG J 11 -9.72 15.29 12.79
C ARG J 11 -9.99 13.79 12.75
N VAL J 12 -10.14 13.23 11.55
CA VAL J 12 -10.27 11.79 11.38
C VAL J 12 -8.98 11.06 11.80
N VAL J 13 -9.14 10.06 12.67
CA VAL J 13 -8.06 9.22 13.18
C VAL J 13 -8.22 7.76 12.77
N GLU J 14 -9.46 7.29 12.56
CA GLU J 14 -9.72 5.99 11.97
C GLU J 14 -10.97 6.12 11.11
N LEU J 15 -11.01 5.33 10.03
CA LEU J 15 -12.18 5.31 9.15
C LEU J 15 -12.47 3.87 8.75
N LEU J 16 -13.74 3.48 8.79
CA LEU J 16 -14.15 2.10 8.48
C LEU J 16 -15.41 2.11 7.63
N HIS J 17 -15.39 1.38 6.51
CA HIS J 17 -16.57 1.28 5.63
C HIS J 17 -17.40 0.06 6.02
N ASP J 18 -18.58 0.25 6.61
CA ASP J 18 -19.44 -0.90 6.96
C ASP J 18 -20.33 -1.20 5.76
N PRO J 19 -20.26 -2.38 5.12
CA PRO J 19 -21.14 -2.72 4.01
C PRO J 19 -22.64 -2.50 4.24
N ALA J 20 -23.09 -2.45 5.50
CA ALA J 20 -24.51 -2.20 5.82
C ALA J 20 -24.77 -0.70 5.70
N ARG J 21 -23.89 0.15 6.23
CA ARG J 21 -24.04 1.63 6.15
C ARG J 21 -23.67 2.10 4.74
N ASN J 22 -23.99 3.33 4.36
CA ASN J 22 -23.63 3.83 3.01
C ASN J 22 -22.60 4.94 3.13
N ALA J 23 -22.42 5.44 4.33
CA ALA J 23 -21.41 6.46 4.63
C ALA J 23 -20.47 5.80 5.61
N PRO J 24 -19.16 5.97 5.48
CA PRO J 24 -18.24 5.37 6.45
C PRO J 24 -18.45 5.98 7.85
N VAL J 25 -17.94 5.29 8.86
CA VAL J 25 -17.93 5.83 10.21
C VAL J 25 -16.50 6.18 10.55
N ALA J 26 -16.29 7.40 11.00
CA ALA J 26 -14.97 7.92 11.33
C ALA J 26 -14.79 7.98 12.85
N ARG J 27 -13.54 7.77 13.29
CA ARG J 27 -13.15 8.08 14.67
C ARG J 27 -12.43 9.42 14.60
N VAL J 28 -13.19 10.52 14.82
CA VAL J 28 -12.67 11.88 14.77
C VAL J 28 -12.16 12.32 16.15
N ARG J 29 -11.25 13.28 16.16
CA ARG J 29 -10.75 13.84 17.44
C ARG J 29 -11.01 15.34 17.45
N PHE J 30 -11.57 15.84 18.54
CA PHE J 30 -11.84 17.25 18.75
C PHE J 30 -10.63 17.92 19.41
N GLU J 31 -10.64 19.26 19.38
CA GLU J 31 -9.48 19.98 19.89
C GLU J 31 -9.27 19.76 21.38
N ASP J 32 -10.33 19.37 22.11
CA ASP J 32 -10.19 19.05 23.52
C ASP J 32 -9.67 17.64 23.75
N GLY J 33 -9.28 16.94 22.68
CA GLY J 33 -8.75 15.59 22.76
C GLY J 33 -9.80 14.49 22.72
N GLU J 34 -11.05 14.80 23.07
CA GLU J 34 -12.13 13.81 23.04
C GLU J 34 -12.28 13.16 21.65
N GLU J 35 -12.46 11.83 21.63
CA GLU J 35 -12.66 11.08 20.40
C GLU J 35 -14.06 10.46 20.32
N ARG J 36 -14.77 10.71 19.21
CA ARG J 36 -16.12 10.17 19.03
C ARG J 36 -16.22 9.49 17.67
N LEU J 37 -17.33 8.77 17.52
CA LEU J 37 -17.72 8.18 16.25
C LEU J 37 -18.82 9.03 15.65
N ILE J 38 -18.55 9.58 14.45
CA ILE J 38 -19.56 10.25 13.64
C ILE J 38 -19.60 9.57 12.27
N LEU J 39 -20.73 9.76 11.58
CA LEU J 39 -20.82 9.48 10.16
C LEU J 39 -20.25 10.64 9.36
N VAL J 40 -19.49 10.31 8.31
CA VAL J 40 -18.85 11.29 7.42
C VAL J 40 -19.14 10.89 5.99
N PRO J 41 -19.14 11.85 5.06
CA PRO J 41 -19.42 11.51 3.66
C PRO J 41 -18.34 10.61 3.08
N GLU J 42 -18.74 9.80 2.11
CA GLU J 42 -17.77 9.03 1.34
C GLU J 42 -16.67 9.97 0.85
N GLY J 43 -15.46 9.43 0.69
CA GLY J 43 -14.34 10.21 0.23
C GLY J 43 -13.47 10.78 1.33
N ILE J 44 -13.99 10.86 2.55
CA ILE J 44 -13.14 11.19 3.70
C ILE J 44 -12.16 10.04 3.94
N LYS J 45 -10.93 10.38 4.29
CA LYS J 45 -9.90 9.43 4.67
C LYS J 45 -9.27 9.84 6.00
N VAL J 46 -8.49 8.94 6.58
CA VAL J 46 -7.68 9.26 7.75
C VAL J 46 -6.77 10.46 7.47
N GLY J 47 -6.60 11.35 8.45
CA GLY J 47 -5.85 12.57 8.26
C GLY J 47 -6.71 13.76 7.88
N ASP J 48 -7.86 13.53 7.25
CA ASP J 48 -8.79 14.61 6.94
C ASP J 48 -9.37 15.24 8.21
N VAL J 49 -9.85 16.46 8.05
CA VAL J 49 -10.47 17.23 9.11
C VAL J 49 -11.85 17.63 8.58
N VAL J 50 -12.90 17.26 9.33
CA VAL J 50 -14.27 17.52 8.94
C VAL J 50 -14.80 18.69 9.78
N GLU J 51 -15.90 19.29 9.31
CA GLU J 51 -16.55 20.36 10.04
C GLU J 51 -18.05 20.07 10.12
N VAL J 52 -18.64 20.41 11.27
CA VAL J 52 -20.11 20.31 11.45
C VAL J 52 -20.61 21.74 11.40
N LYS J 53 -21.54 22.04 10.50
CA LYS J 53 -22.06 23.42 10.38
C LYS J 53 -23.56 23.37 10.09
N LYS J 54 -24.27 24.46 10.33
CA LYS J 54 -25.73 24.52 10.08
C LYS J 54 -25.96 24.77 8.59
N VAL J 55 -27.17 24.51 8.11
CA VAL J 55 -27.47 24.79 6.68
C VAL J 55 -28.68 25.73 6.60
N LYS K 7 -0.94 7.85 -9.54
CA LYS K 7 -0.04 9.02 -9.76
C LYS K 7 -0.49 9.78 -11.01
N PHE K 8 -0.82 11.06 -10.84
CA PHE K 8 -1.31 11.94 -11.93
C PHE K 8 -0.14 12.43 -12.78
N VAL K 9 0.07 11.84 -13.94
CA VAL K 9 1.24 12.29 -14.75
C VAL K 9 0.84 12.71 -16.15
N ALA K 10 1.77 13.38 -16.82
CA ALA K 10 1.62 13.86 -18.20
C ALA K 10 3.01 13.89 -18.80
N ARG K 11 3.09 13.70 -20.09
CA ARG K 11 4.36 13.57 -20.80
C ARG K 11 4.75 14.91 -21.40
N VAL K 12 5.88 15.48 -20.97
CA VAL K 12 6.29 16.76 -21.54
C VAL K 12 6.60 16.56 -23.03
N VAL K 13 5.70 17.04 -23.86
CA VAL K 13 5.87 16.79 -25.32
C VAL K 13 6.62 17.95 -25.99
N GLU K 14 6.42 19.17 -25.55
CA GLU K 14 7.11 20.31 -26.19
C GLU K 14 7.26 21.42 -25.16
N LEU K 15 8.32 22.22 -25.26
CA LEU K 15 8.56 23.38 -24.36
C LEU K 15 8.48 24.66 -25.18
N LEU K 16 7.83 25.69 -24.65
CA LEU K 16 7.65 26.97 -25.37
C LEU K 16 8.36 28.08 -24.58
N HIS K 17 9.64 28.33 -24.86
CA HIS K 17 10.34 29.38 -24.07
C HIS K 17 9.89 30.78 -24.45
N ASP K 18 9.15 31.43 -23.56
CA ASP K 18 8.72 32.83 -23.79
C ASP K 18 9.40 33.72 -22.74
N PRO K 19 9.58 35.03 -23.02
CA PRO K 19 10.21 35.95 -22.08
C PRO K 19 9.23 36.56 -21.09
N ALA K 20 7.97 36.71 -21.49
CA ALA K 20 6.92 37.31 -20.65
C ALA K 20 6.71 36.49 -19.38
N ARG K 21 7.14 35.23 -19.43
CA ARG K 21 6.97 34.30 -18.31
C ARG K 21 8.31 34.00 -17.67
N ASN K 22 8.27 33.65 -16.39
CA ASN K 22 9.50 33.22 -15.75
C ASN K 22 9.68 31.74 -16.14
N ALA K 23 8.78 30.88 -15.71
CA ALA K 23 8.93 29.43 -15.99
C ALA K 23 8.45 29.09 -17.39
N PRO K 24 9.13 28.22 -18.15
CA PRO K 24 8.69 27.87 -19.47
C PRO K 24 7.33 27.15 -19.46
N VAL K 25 6.51 27.41 -20.46
CA VAL K 25 5.23 26.71 -20.57
C VAL K 25 5.48 25.41 -21.35
N ALA K 26 4.79 24.35 -20.94
CA ALA K 26 4.99 23.01 -21.51
C ALA K 26 3.71 22.53 -22.16
N ARG K 27 3.82 21.92 -23.33
CA ARG K 27 2.69 21.15 -23.84
C ARG K 27 2.93 19.72 -23.40
N VAL K 28 1.96 19.13 -22.72
CA VAL K 28 2.13 17.83 -22.09
C VAL K 28 1.01 16.91 -22.55
N ARG K 29 1.24 15.60 -22.42
CA ARG K 29 0.32 14.58 -22.93
C ARG K 29 -0.07 13.62 -21.82
N PHE K 30 -1.36 13.55 -21.55
CA PHE K 30 -1.89 12.63 -20.51
C PHE K 30 -2.06 11.24 -21.11
N GLU K 31 -2.48 10.26 -20.31
CA GLU K 31 -2.60 8.90 -20.90
C GLU K 31 -3.82 8.78 -21.82
N ASP K 32 -4.93 9.43 -21.51
CA ASP K 32 -6.10 9.28 -22.41
C ASP K 32 -5.79 9.89 -23.77
N GLY K 33 -4.64 10.56 -23.91
CA GLY K 33 -4.31 11.20 -25.17
C GLY K 33 -4.49 12.70 -25.18
N GLU K 34 -5.18 13.27 -24.18
CA GLU K 34 -5.45 14.69 -24.19
C GLU K 34 -4.15 15.50 -24.06
N GLU K 35 -4.17 16.70 -24.62
CA GLU K 35 -2.99 17.56 -24.64
C GLU K 35 -3.34 18.96 -24.15
N ARG K 36 -2.48 19.49 -23.29
CA ARG K 36 -2.71 20.84 -22.71
C ARG K 36 -1.40 21.56 -22.44
N LEU K 37 -1.53 22.85 -22.11
CA LEU K 37 -0.39 23.71 -21.75
C LEU K 37 -0.38 23.87 -20.23
N ILE K 38 0.76 23.64 -19.60
CA ILE K 38 0.91 23.83 -18.13
C ILE K 38 2.23 24.53 -17.86
N LEU K 39 2.42 25.02 -16.64
CA LEU K 39 3.72 25.64 -16.31
C LEU K 39 4.60 24.54 -15.72
N VAL K 40 5.90 24.59 -15.96
CA VAL K 40 6.77 23.54 -15.36
C VAL K 40 7.99 24.20 -14.76
N PRO K 41 8.61 23.58 -13.75
CA PRO K 41 9.82 24.09 -13.17
C PRO K 41 10.95 24.11 -14.22
N GLU K 42 11.85 25.08 -14.10
CA GLU K 42 12.98 25.12 -15.05
C GLU K 42 13.84 23.89 -14.81
N GLY K 43 14.31 23.27 -15.87
CA GLY K 43 15.06 22.03 -15.68
C GLY K 43 14.25 20.87 -16.18
N ILE K 44 13.03 21.12 -16.65
CA ILE K 44 12.24 20.05 -17.28
C ILE K 44 12.64 20.05 -18.74
N LYS K 45 12.80 18.88 -19.32
CA LYS K 45 13.20 18.80 -20.74
C LYS K 45 12.15 17.98 -21.50
N VAL K 46 12.08 18.12 -22.82
CA VAL K 46 11.08 17.34 -23.59
C VAL K 46 11.41 15.88 -23.30
N GLY K 47 10.42 15.06 -23.03
CA GLY K 47 10.77 13.67 -22.69
C GLY K 47 10.59 13.42 -21.21
N ASP K 48 10.63 14.47 -20.41
CA ASP K 48 10.40 14.26 -18.96
C ASP K 48 8.93 13.96 -18.69
N VAL K 49 8.64 13.21 -17.65
CA VAL K 49 7.23 12.96 -17.25
C VAL K 49 6.99 13.76 -15.97
N VAL K 50 5.99 14.61 -15.95
CA VAL K 50 5.75 15.43 -14.75
C VAL K 50 4.52 14.92 -14.01
N GLU K 51 4.48 15.24 -12.72
CA GLU K 51 3.43 14.86 -11.80
C GLU K 51 2.74 16.14 -11.31
N VAL K 52 1.46 16.04 -10.97
CA VAL K 52 0.68 17.12 -10.31
C VAL K 52 0.16 16.54 -9.01
N LYS K 53 0.79 16.85 -7.89
CA LYS K 53 0.37 16.23 -6.62
C LYS K 53 -0.07 17.25 -5.60
N LYS K 54 -0.99 16.90 -4.74
CA LYS K 54 -1.36 17.84 -3.67
C LYS K 54 -0.21 17.90 -2.68
N VAL K 55 0.10 19.08 -2.19
CA VAL K 55 1.18 19.23 -1.18
C VAL K 55 0.55 19.41 0.20
N LYS L 7 20.04 -10.20 27.70
CA LYS L 7 18.86 -10.89 27.11
C LYS L 7 18.95 -10.96 25.57
N PHE L 8 19.13 -12.17 25.03
CA PHE L 8 19.22 -12.36 23.56
C PHE L 8 17.83 -12.72 23.04
N VAL L 9 17.13 -11.74 22.48
CA VAL L 9 15.74 -11.98 22.13
C VAL L 9 15.53 -11.69 20.65
N ALA L 10 14.49 -12.32 20.10
CA ALA L 10 13.89 -11.97 18.83
C ALA L 10 12.42 -12.30 18.96
N ARG L 11 11.61 -11.61 18.16
CA ARG L 11 10.13 -11.77 18.18
C ARG L 11 9.67 -12.57 16.98
N VAL L 12 8.74 -13.48 17.21
CA VAL L 12 8.18 -14.31 16.16
C VAL L 12 7.29 -13.43 15.28
N VAL L 13 7.58 -13.36 13.98
CA VAL L 13 6.79 -12.57 13.03
C VAL L 13 5.87 -13.49 12.24
N GLU L 14 6.20 -14.77 12.19
CA GLU L 14 5.57 -15.70 11.24
C GLU L 14 5.83 -17.14 11.65
N LEU L 15 4.83 -17.98 11.48
CA LEU L 15 5.05 -19.41 11.68
C LEU L 15 4.89 -20.00 10.29
N LEU L 16 5.96 -20.56 9.75
CA LEU L 16 5.95 -21.13 8.40
C LEU L 16 5.92 -22.66 8.50
N HIS L 17 6.03 -23.34 7.38
CA HIS L 17 6.01 -24.83 7.41
C HIS L 17 7.25 -25.35 6.72
N ASP L 18 8.03 -26.18 7.39
CA ASP L 18 9.24 -26.70 6.74
C ASP L 18 8.87 -28.02 6.08
N PRO L 19 8.73 -28.08 4.74
CA PRO L 19 8.41 -29.31 4.02
C PRO L 19 9.51 -30.36 4.19
N ALA L 20 10.72 -29.93 4.49
CA ALA L 20 11.81 -30.91 4.68
C ALA L 20 11.45 -31.81 5.85
N ARG L 21 11.24 -31.23 7.04
CA ARG L 21 10.96 -31.95 8.30
C ARG L 21 9.46 -32.09 8.57
N ASN L 22 8.62 -31.63 7.67
CA ASN L 22 7.14 -31.75 7.84
C ASN L 22 6.68 -31.25 9.21
N ALA L 23 7.02 -30.01 9.53
CA ALA L 23 6.67 -29.34 10.79
C ALA L 23 6.85 -27.84 10.61
N PRO L 24 6.47 -27.02 11.60
CA PRO L 24 6.56 -25.58 11.50
C PRO L 24 7.92 -25.01 11.89
N VAL L 25 8.32 -23.95 11.24
CA VAL L 25 9.60 -23.25 11.55
C VAL L 25 9.23 -21.78 11.76
N ALA L 26 9.84 -21.10 12.70
CA ALA L 26 9.42 -19.71 12.97
C ALA L 26 10.33 -18.68 12.31
N ARG L 27 9.74 -17.64 11.74
CA ARG L 27 10.50 -16.51 11.18
C ARG L 27 10.59 -15.49 12.30
N VAL L 28 11.78 -15.20 12.79
CA VAL L 28 11.88 -14.26 13.93
C VAL L 28 12.69 -13.02 13.55
N ARG L 29 12.48 -11.94 14.29
CA ARG L 29 13.18 -10.69 14.06
C ARG L 29 13.96 -10.30 15.31
N PHE L 30 15.28 -10.22 15.18
CA PHE L 30 16.16 -9.70 16.22
C PHE L 30 16.04 -8.18 16.24
N GLU L 31 16.69 -7.57 17.23
CA GLU L 31 16.55 -6.13 17.46
C GLU L 31 17.23 -5.28 16.39
N ASP L 32 18.31 -5.77 15.78
CA ASP L 32 19.01 -4.98 14.76
C ASP L 32 18.24 -4.91 13.44
N GLY L 33 17.09 -5.59 13.34
CA GLY L 33 16.29 -5.62 12.14
C GLY L 33 16.43 -6.89 11.32
N GLU L 34 17.41 -7.74 11.64
CA GLU L 34 17.68 -8.99 10.89
C GLU L 34 16.61 -10.03 11.18
N GLU L 35 16.21 -10.78 10.17
CA GLU L 35 15.19 -11.83 10.31
C GLU L 35 15.83 -13.17 9.95
N ARG L 36 15.59 -14.21 10.74
CA ARG L 36 16.13 -15.56 10.45
C ARG L 36 15.08 -16.63 10.75
N LEU L 37 15.38 -17.87 10.37
CA LEU L 37 14.52 -19.04 10.62
C LEU L 37 15.06 -19.85 11.80
N ILE L 38 14.20 -20.18 12.76
CA ILE L 38 14.59 -20.98 13.94
C ILE L 38 13.46 -21.91 14.30
N LEU L 39 13.80 -23.00 14.94
CA LEU L 39 12.80 -23.95 15.46
C LEU L 39 12.45 -23.40 16.84
N VAL L 40 11.17 -23.25 17.09
CA VAL L 40 10.71 -22.78 18.40
C VAL L 40 9.85 -23.89 18.98
N PRO L 41 9.64 -23.91 20.30
CA PRO L 41 8.81 -24.96 20.90
C PRO L 41 7.33 -24.82 20.58
N GLU L 42 6.66 -25.97 20.55
CA GLU L 42 5.21 -26.01 20.37
C GLU L 42 4.53 -25.10 21.38
N GLY L 43 3.51 -24.40 20.92
CA GLY L 43 2.81 -23.41 21.70
C GLY L 43 3.26 -21.98 21.47
N ILE L 44 4.41 -21.76 20.82
CA ILE L 44 4.88 -20.41 20.55
C ILE L 44 4.02 -19.79 19.45
N LYS L 45 3.66 -18.53 19.64
CA LYS L 45 2.65 -17.86 18.86
C LYS L 45 3.26 -16.69 18.13
N VAL L 46 2.68 -16.37 16.97
CA VAL L 46 3.10 -15.16 16.28
C VAL L 46 3.01 -13.96 17.24
N GLY L 47 4.08 -13.16 17.27
CA GLY L 47 4.12 -11.95 18.06
C GLY L 47 4.85 -12.07 19.39
N ASP L 48 4.96 -13.29 19.92
CA ASP L 48 5.73 -13.62 21.13
C ASP L 48 7.21 -13.33 20.95
N VAL L 49 7.86 -13.07 22.08
CA VAL L 49 9.30 -12.88 22.14
C VAL L 49 9.93 -14.18 22.61
N VAL L 50 10.98 -14.63 21.90
CA VAL L 50 11.72 -15.82 22.30
C VAL L 50 13.12 -15.40 22.69
N GLU L 51 13.69 -16.10 23.69
CA GLU L 51 15.03 -15.80 24.21
C GLU L 51 15.97 -16.95 23.93
N VAL L 52 17.18 -16.61 23.52
CA VAL L 52 18.27 -17.60 23.31
C VAL L 52 19.24 -17.39 24.48
N LYS L 53 19.32 -18.38 25.36
CA LYS L 53 20.16 -18.29 26.58
C LYS L 53 20.99 -19.55 26.72
N LYS L 54 22.17 -19.38 27.31
CA LYS L 54 23.13 -20.48 27.62
C LYS L 54 22.55 -21.28 28.77
N VAL L 55 22.30 -22.57 28.60
CA VAL L 55 21.73 -23.36 29.72
C VAL L 55 22.87 -24.11 30.40
#